data_1TOM
#
_entry.id   1TOM
#
_cell.length_a   71.250
_cell.length_b   72.190
_cell.length_c   73.110
_cell.angle_alpha   90.00
_cell.angle_beta   101.85
_cell.angle_gamma   90.00
#
_symmetry.space_group_name_H-M   'C 1 2 1'
#
loop_
_entity.id
_entity.type
_entity.pdbx_description
1 polymer ALPHA-THROMBIN
2 polymer ALPHA-THROMBIN
3 polymer HIRUGEN
4 non-polymer METHYL-PHE-PRO-AMINO-CYCLOHEXYLGLYCINE
5 water water
#
loop_
_entity_poly.entity_id
_entity_poly.type
_entity_poly.pdbx_seq_one_letter_code
_entity_poly.pdbx_strand_id
1 'polypeptide(L)' TFGSGEADCGLRPLFEKKSLEDKTERELLESYIDGR L
2 'polypeptide(L)'
;IVEGSDAEIGMSPWQVMLFRKSPQELLCGASLISDRWVLTAAHCLLYPPWDKNFTENDLLVRIGKHSRTRYERNIEKISM
LEKIYIHPRYNWRENLDRDIALMKLKKPVAFSDYIHPVCLPDRETAASLLQAGYKGRVTGWGNLKETWTANVGKGQPSVL
QVVNLPIVERPVCKDSTRIRITDNMFCAGYKPDEGKRGDACEGDSGGPFVMKSPFNNRWYQMGIVSWGEGCDRDGKYGFY
THVFRLKKWIQKVIDQFGE
;
H
3 'polypeptide(L)' NEDFEEIPEE(TYS)L I
#
# COMPACT_ATOMS: atom_id res chain seq x y z
N ALA A 7 15.82 -10.96 4.47
CA ALA A 7 16.67 -11.15 5.64
C ALA A 7 16.04 -10.40 6.81
N ASP A 8 16.01 -9.07 6.86
CA ASP A 8 15.47 -8.36 8.02
C ASP A 8 14.09 -7.70 7.77
N CYS A 9 13.40 -8.21 6.73
CA CYS A 9 12.22 -7.51 6.27
C CYS A 9 11.11 -7.63 7.29
N GLY A 10 10.23 -6.63 7.35
CA GLY A 10 9.09 -6.72 8.21
C GLY A 10 9.38 -6.53 9.70
N LEU A 11 10.65 -6.27 10.08
CA LEU A 11 10.98 -6.01 11.47
C LEU A 11 11.24 -4.51 11.59
N ARG A 12 10.39 -3.75 12.28
CA ARG A 12 10.51 -2.31 12.35
C ARG A 12 11.58 -1.89 13.35
N PRO A 13 12.51 -0.99 13.01
CA PRO A 13 13.53 -0.47 13.94
C PRO A 13 12.94 0.11 15.21
N LEU A 14 11.84 0.85 15.10
CA LEU A 14 11.32 1.46 16.30
C LEU A 14 10.33 0.62 17.05
N PHE A 15 10.02 -0.58 16.53
CA PHE A 15 9.07 -1.41 17.25
C PHE A 15 9.59 -2.82 17.50
N GLU A 16 9.55 -3.77 16.55
CA GLU A 16 9.96 -5.14 16.80
C GLU A 16 11.40 -5.25 17.26
N LYS A 17 12.30 -4.44 16.69
CA LYS A 17 13.71 -4.51 17.07
C LYS A 17 13.93 -4.03 18.48
N LYS A 18 13.04 -3.24 19.07
CA LYS A 18 13.16 -2.81 20.47
C LYS A 18 12.14 -3.49 21.35
N SER A 19 11.35 -4.43 20.82
CA SER A 19 10.32 -5.10 21.60
C SER A 19 9.29 -4.10 22.12
N LEU A 20 8.97 -3.15 21.23
CA LEU A 20 7.94 -2.19 21.53
C LEU A 20 6.73 -2.50 20.64
N GLU A 21 5.52 -2.48 21.12
CA GLU A 21 4.34 -2.65 20.30
C GLU A 21 3.71 -1.32 19.91
N ASP A 22 3.20 -1.16 18.69
CA ASP A 22 2.42 0.03 18.37
C ASP A 22 1.03 -0.03 19.01
N LYS A 23 0.28 1.07 19.04
CA LYS A 23 -0.99 1.10 19.72
C LYS A 23 -2.12 0.24 19.21
N THR A 24 -2.11 -0.30 17.98
CA THR A 24 -3.24 -1.11 17.61
C THR A 24 -2.84 -2.45 17.08
N GLU A 25 -1.57 -2.87 17.04
CA GLU A 25 -1.28 -4.15 16.41
C GLU A 25 -1.86 -5.34 17.16
N ARG A 26 -2.13 -5.22 18.47
CA ARG A 26 -2.81 -6.26 19.21
C ARG A 26 -4.20 -6.53 18.62
N GLU A 27 -4.93 -5.55 18.06
CA GLU A 27 -6.22 -5.75 17.42
C GLU A 27 -6.07 -6.72 16.26
N LEU A 28 -4.98 -6.58 15.51
CA LEU A 28 -4.68 -7.47 14.41
C LEU A 28 -4.44 -8.86 14.97
N LEU A 29 -3.55 -8.98 15.97
CA LEU A 29 -3.21 -10.33 16.43
C LEU A 29 -4.39 -10.99 17.11
N GLU A 30 -5.25 -10.20 17.76
CA GLU A 30 -6.43 -10.77 18.36
C GLU A 30 -7.41 -11.33 17.35
N SER A 31 -7.29 -11.03 16.09
CA SER A 31 -8.27 -11.54 15.19
C SER A 31 -7.74 -12.78 14.50
N TYR A 32 -6.47 -13.18 14.75
CA TYR A 32 -5.87 -14.30 14.03
C TYR A 32 -6.05 -15.64 14.72
N ILE B 1 -7.60 7.95 4.02
CA ILE B 1 -8.12 6.85 4.78
C ILE B 1 -9.30 7.51 5.48
N VAL B 2 -10.46 6.89 5.45
CA VAL B 2 -11.63 7.39 6.14
C VAL B 2 -11.72 6.64 7.45
N GLU B 3 -11.92 7.36 8.55
CA GLU B 3 -12.12 6.78 9.87
C GLU B 3 -10.94 6.03 10.47
N GLY B 4 -9.75 6.46 10.09
CA GLY B 4 -8.52 5.92 10.65
C GLY B 4 -8.00 6.88 11.72
N SER B 5 -6.71 6.82 12.05
CA SER B 5 -6.15 7.72 13.02
C SER B 5 -4.75 7.97 12.55
N ASP B 6 -4.12 8.93 13.22
CA ASP B 6 -2.76 9.29 12.88
C ASP B 6 -1.82 8.17 13.19
N ALA B 7 -0.94 7.90 12.25
CA ALA B 7 0.08 6.92 12.50
C ALA B 7 1.08 7.42 13.53
N GLU B 8 1.70 6.45 14.19
CA GLU B 8 2.90 6.68 15.02
C GLU B 8 4.14 6.80 14.14
N ILE B 9 5.15 7.54 14.55
CA ILE B 9 6.38 7.64 13.82
C ILE B 9 7.04 6.25 13.81
N GLY B 10 7.57 5.94 12.62
CA GLY B 10 8.22 4.68 12.36
C GLY B 10 7.25 3.50 12.33
N MET B 11 5.91 3.65 12.41
CA MET B 11 4.97 2.53 12.42
C MET B 11 4.82 1.81 11.08
N SER B 12 5.05 2.47 9.92
CA SER B 12 5.02 1.85 8.60
C SER B 12 6.22 2.32 7.79
N PRO B 13 7.41 1.86 8.11
CA PRO B 13 8.64 2.36 7.50
C PRO B 13 8.80 2.00 6.01
N TRP B 14 7.91 1.13 5.54
CA TRP B 14 7.85 0.73 4.14
C TRP B 14 6.91 1.64 3.36
N GLN B 15 6.15 2.57 3.97
CA GLN B 15 5.18 3.38 3.21
C GLN B 15 5.93 4.33 2.29
N VAL B 16 5.54 4.44 1.01
CA VAL B 16 6.24 5.29 0.09
C VAL B 16 5.19 6.23 -0.44
N MET B 17 5.56 7.46 -0.79
CA MET B 17 4.64 8.39 -1.41
C MET B 17 5.09 8.54 -2.84
N LEU B 18 4.19 8.42 -3.80
CA LEU B 18 4.51 8.64 -5.19
C LEU B 18 4.09 10.08 -5.41
N PHE B 19 5.04 10.83 -5.92
CA PHE B 19 4.90 12.27 -5.97
C PHE B 19 5.16 12.71 -7.39
N ARG B 20 4.20 13.46 -7.90
CA ARG B 20 4.33 14.06 -9.22
C ARG B 20 5.27 15.30 -9.20
N LYS B 21 6.15 15.49 -10.17
CA LYS B 21 7.01 16.66 -10.14
C LYS B 21 6.22 17.88 -10.58
N SER B 22 5.49 17.86 -11.70
CA SER B 22 4.77 19.05 -12.13
C SER B 22 3.36 18.78 -12.62
N PRO B 23 2.31 19.26 -11.96
CA PRO B 23 2.35 19.94 -10.68
C PRO B 23 2.76 19.02 -9.54
N GLN B 24 3.51 19.55 -8.57
CA GLN B 24 3.95 18.85 -7.37
C GLN B 24 2.73 18.34 -6.61
N GLU B 25 2.39 17.05 -6.63
CA GLU B 25 1.21 16.56 -5.91
C GLU B 25 1.32 15.07 -5.59
N LEU B 26 0.60 14.61 -4.55
CA LEU B 26 0.56 13.20 -4.17
C LEU B 26 -0.27 12.53 -5.26
N LEU B 27 0.40 11.55 -5.89
CA LEU B 27 -0.27 10.67 -6.83
C LEU B 27 -0.89 9.46 -6.18
N CYS B 28 -0.06 8.71 -5.42
CA CYS B 28 -0.41 7.39 -4.89
C CYS B 28 0.46 6.97 -3.72
N GLY B 29 0.05 5.93 -3.01
CA GLY B 29 0.91 5.31 -2.00
C GLY B 29 1.67 4.23 -2.73
N ALA B 30 2.58 3.54 -2.06
CA ALA B 30 3.44 2.52 -2.65
C ALA B 30 4.15 1.88 -1.47
N SER B 31 4.98 0.84 -1.65
CA SER B 31 5.63 0.22 -0.48
C SER B 31 7.06 -0.17 -0.87
N LEU B 32 7.98 -0.20 0.07
CA LEU B 32 9.36 -0.51 -0.23
C LEU B 32 9.54 -1.97 0.15
N ILE B 33 9.91 -2.80 -0.83
CA ILE B 33 10.11 -4.22 -0.60
C ILE B 33 11.61 -4.58 -0.66
N SER B 34 12.52 -3.71 -1.11
CA SER B 34 13.96 -3.91 -0.94
C SER B 34 14.61 -2.55 -1.04
N ASP B 35 15.93 -2.44 -0.98
CA ASP B 35 16.58 -1.13 -1.12
C ASP B 35 16.39 -0.43 -2.49
N ARG B 36 16.12 -1.23 -3.53
CA ARG B 36 15.98 -0.72 -4.89
C ARG B 36 14.58 -0.88 -5.47
N TRP B 37 13.61 -1.53 -4.81
CA TRP B 37 12.34 -1.81 -5.47
C TRP B 37 11.13 -1.33 -4.71
N VAL B 38 10.22 -0.73 -5.46
CA VAL B 38 8.97 -0.23 -4.89
C VAL B 38 7.80 -0.90 -5.58
N LEU B 39 6.79 -1.25 -4.82
CA LEU B 39 5.57 -1.88 -5.32
C LEU B 39 4.39 -0.93 -5.19
N THR B 40 3.54 -0.80 -6.20
CA THR B 40 2.32 0.01 -6.19
C THR B 40 1.24 -0.66 -7.10
N ALA B 41 0.08 -0.02 -7.26
CA ALA B 41 -0.96 -0.47 -8.15
C ALA B 41 -0.65 0.06 -9.55
N ALA B 42 -0.82 -0.72 -10.62
CA ALA B 42 -0.64 -0.28 -12.01
C ALA B 42 -1.52 0.89 -12.42
N HIS B 43 -2.69 1.01 -11.79
CA HIS B 43 -3.61 2.06 -12.15
C HIS B 43 -3.06 3.43 -11.68
N CYS B 44 -2.06 3.42 -10.79
CA CYS B 44 -1.43 4.65 -10.35
C CYS B 44 -0.60 5.25 -11.47
N LEU B 45 -0.14 4.38 -12.38
CA LEU B 45 0.68 4.83 -13.48
C LEU B 45 -0.05 4.83 -14.83
N LEU B 46 -0.93 3.86 -15.12
CA LEU B 46 -1.55 3.72 -16.41
C LEU B 46 -3.04 3.48 -16.20
N TYR B 47 -3.85 4.33 -16.81
CA TYR B 47 -5.28 4.17 -16.77
C TYR B 47 -5.81 5.04 -17.91
N PRO B 48 -5.81 4.51 -19.16
CA PRO B 48 -6.31 5.22 -20.36
C PRO B 48 -7.70 5.83 -20.29
N PRO B 49 -8.76 5.33 -19.66
CA PRO B 49 -10.03 6.02 -19.54
C PRO B 49 -9.89 7.45 -19.07
N TRP B 50 -8.92 7.72 -18.19
CA TRP B 50 -8.76 9.06 -17.66
C TRP B 50 -7.48 9.64 -18.24
N ASP B 51 -6.98 9.11 -19.36
CA ASP B 51 -5.74 9.51 -19.99
C ASP B 51 -4.50 9.54 -19.12
N LYS B 52 -4.40 8.63 -18.16
CA LYS B 52 -3.23 8.60 -17.31
C LYS B 52 -2.24 7.65 -17.92
N ASN B 53 -1.01 8.06 -18.10
CA ASN B 53 0.06 7.19 -18.55
C ASN B 53 1.34 7.87 -18.11
N PHE B 54 1.81 7.68 -16.88
CA PHE B 54 3.02 8.33 -16.38
C PHE B 54 4.24 7.51 -16.69
N THR B 55 5.34 8.12 -17.07
CA THR B 55 6.57 7.37 -17.25
C THR B 55 7.53 7.75 -16.11
N GLU B 56 8.76 7.25 -16.13
CA GLU B 56 9.73 7.43 -15.07
C GLU B 56 10.11 8.88 -14.77
N ASN B 57 10.23 9.70 -15.79
CA ASN B 57 10.63 11.08 -15.53
C ASN B 57 9.56 11.94 -14.94
N ASP B 58 8.33 11.45 -14.87
CA ASP B 58 7.24 12.24 -14.36
C ASP B 58 7.09 12.24 -12.85
N LEU B 59 7.83 11.34 -12.23
CA LEU B 59 7.57 11.01 -10.85
C LEU B 59 8.86 10.96 -10.06
N LEU B 60 8.59 11.08 -8.77
CA LEU B 60 9.53 10.91 -7.70
C LEU B 60 8.91 10.00 -6.63
N VAL B 61 9.77 9.21 -6.00
CA VAL B 61 9.44 8.35 -4.90
C VAL B 61 9.91 9.03 -3.59
N ARG B 62 9.08 9.32 -2.59
CA ARG B 62 9.50 9.89 -1.31
C ARG B 62 9.31 8.85 -0.19
N ILE B 63 10.42 8.41 0.41
CA ILE B 63 10.45 7.35 1.42
C ILE B 63 10.75 7.92 2.82
N GLY B 64 10.24 7.33 3.90
CA GLY B 64 10.51 7.76 5.27
C GLY B 64 9.63 8.89 5.74
N LYS B 65 8.57 9.20 5.03
CA LYS B 65 7.75 10.32 5.38
C LYS B 65 6.66 10.06 6.41
N HIS B 66 6.31 11.12 7.12
CA HIS B 66 5.21 11.09 8.07
C HIS B 66 4.24 12.19 7.65
N SER B 67 4.71 13.41 7.45
CA SER B 67 3.88 14.56 7.11
C SER B 67 3.49 14.44 5.63
N ARG B 68 2.22 14.65 5.27
CA ARG B 68 1.83 14.66 3.87
C ARG B 68 2.53 15.73 3.04
N THR B 69 2.47 17.00 3.42
CA THR B 69 3.04 18.08 2.60
C THR B 69 4.42 18.60 2.91
N ARG B 70 5.03 18.27 4.04
CA ARG B 70 6.28 18.91 4.35
C ARG B 70 7.48 18.21 3.79
N TYR B 71 8.54 18.94 3.46
CA TYR B 71 9.76 18.28 3.06
C TYR B 71 10.56 17.97 4.32
N GLU B 72 10.48 16.72 4.77
CA GLU B 72 11.10 16.26 6.00
C GLU B 72 12.61 16.05 5.93
N ARG B 73 13.29 17.20 5.95
CA ARG B 73 14.72 17.36 5.92
C ARG B 73 15.37 16.46 6.96
N ASN B 74 16.33 15.68 6.49
CA ASN B 74 17.10 14.75 7.30
C ASN B 74 16.32 13.51 7.71
N ILE B 75 15.04 13.36 7.34
CA ILE B 75 14.29 12.13 7.67
C ILE B 75 13.99 11.36 6.38
N GLU B 76 13.23 12.04 5.48
CA GLU B 76 12.81 11.43 4.23
C GLU B 76 13.91 11.46 3.20
N LYS B 77 13.81 10.55 2.25
CA LYS B 77 14.75 10.39 1.17
C LYS B 77 13.94 10.38 -0.11
N ILE B 78 14.34 11.15 -1.11
CA ILE B 78 13.63 11.22 -2.36
C ILE B 78 14.43 10.49 -3.43
N SER B 79 13.77 9.72 -4.29
CA SER B 79 14.43 8.96 -5.33
C SER B 79 13.76 9.17 -6.66
N MET B 80 14.60 9.02 -7.68
CA MET B 80 14.18 9.02 -9.07
C MET B 80 14.06 7.57 -9.53
N LEU B 81 13.29 7.34 -10.58
CA LEU B 81 13.06 6.00 -11.11
C LEU B 81 13.92 5.70 -12.29
N GLU B 82 14.35 4.46 -12.29
CA GLU B 82 15.12 3.94 -13.38
C GLU B 82 14.17 3.30 -14.39
N LYS B 83 13.18 2.51 -13.94
CA LYS B 83 12.32 1.81 -14.86
C LYS B 83 11.04 1.43 -14.15
N ILE B 84 9.94 1.39 -14.89
CA ILE B 84 8.64 1.04 -14.34
C ILE B 84 8.30 -0.29 -15.01
N TYR B 85 7.71 -1.23 -14.28
CA TYR B 85 7.28 -2.48 -14.86
C TYR B 85 5.84 -2.67 -14.47
N ILE B 86 4.98 -2.70 -15.47
CA ILE B 86 3.56 -2.97 -15.26
C ILE B 86 3.29 -4.41 -15.70
N HIS B 87 2.50 -5.16 -14.93
CA HIS B 87 2.15 -6.53 -15.29
C HIS B 87 1.59 -6.54 -16.71
N PRO B 88 2.12 -7.33 -17.65
CA PRO B 88 1.74 -7.33 -19.06
C PRO B 88 0.28 -7.67 -19.23
N ARG B 89 -0.34 -8.34 -18.26
CA ARG B 89 -1.76 -8.66 -18.32
C ARG B 89 -2.65 -7.84 -17.41
N TYR B 90 -2.23 -6.64 -16.98
CA TYR B 90 -3.11 -5.80 -16.19
C TYR B 90 -4.33 -5.40 -17.05
N ASN B 91 -5.50 -5.56 -16.48
CA ASN B 91 -6.74 -5.35 -17.22
C ASN B 91 -7.47 -4.08 -16.82
N TRP B 92 -6.99 -3.03 -17.48
CA TRP B 92 -7.56 -1.70 -17.27
C TRP B 92 -8.87 -1.53 -18.03
N ARG B 93 -9.16 -2.39 -19.04
CA ARG B 93 -10.40 -2.26 -19.80
C ARG B 93 -11.63 -2.71 -19.07
N GLU B 94 -11.48 -3.62 -18.12
CA GLU B 94 -12.64 -4.16 -17.49
C GLU B 94 -12.77 -4.00 -15.97
N ASN B 95 -11.93 -4.68 -15.21
CA ASN B 95 -12.11 -4.77 -13.76
C ASN B 95 -10.83 -4.54 -12.95
N LEU B 96 -9.76 -3.99 -13.55
CA LEU B 96 -8.43 -3.78 -12.93
C LEU B 96 -7.78 -5.07 -12.38
N ASP B 97 -8.03 -6.19 -13.05
CA ASP B 97 -7.44 -7.45 -12.64
C ASP B 97 -5.94 -7.30 -12.88
N ARG B 98 -5.15 -7.91 -11.98
CA ARG B 98 -3.67 -7.85 -11.98
C ARG B 98 -3.21 -6.38 -11.86
N ASP B 99 -3.82 -5.62 -10.98
CA ASP B 99 -3.44 -4.23 -10.79
C ASP B 99 -2.09 -4.13 -10.04
N ILE B 100 -0.93 -4.19 -10.64
CA ILE B 100 0.30 -4.25 -9.87
C ILE B 100 1.39 -3.76 -10.78
N ALA B 101 2.40 -3.10 -10.18
CA ALA B 101 3.50 -2.53 -10.91
C ALA B 101 4.66 -2.44 -9.94
N LEU B 102 5.88 -2.63 -10.44
CA LEU B 102 7.16 -2.53 -9.72
C LEU B 102 7.94 -1.35 -10.29
N MET B 103 8.64 -0.67 -9.40
CA MET B 103 9.42 0.52 -9.77
C MET B 103 10.83 0.30 -9.26
N LYS B 104 11.75 0.37 -10.20
CA LYS B 104 13.18 0.18 -10.00
C LYS B 104 13.78 1.54 -9.65
N LEU B 105 14.29 1.74 -8.44
CA LEU B 105 14.88 3.01 -8.05
C LEU B 105 16.25 3.23 -8.65
N LYS B 106 16.58 4.49 -8.90
CA LYS B 106 17.86 4.79 -9.52
C LYS B 106 19.05 4.43 -8.68
N LYS B 107 18.99 4.48 -7.36
CA LYS B 107 20.11 4.09 -6.52
C LYS B 107 19.53 3.46 -5.27
N PRO B 108 20.20 2.54 -4.56
CA PRO B 108 19.65 1.97 -3.34
C PRO B 108 19.40 3.06 -2.28
N VAL B 109 18.28 2.96 -1.56
CA VAL B 109 18.03 3.85 -0.44
C VAL B 109 18.66 3.16 0.75
N ALA B 110 19.17 4.00 1.63
CA ALA B 110 19.73 3.50 2.86
C ALA B 110 18.62 3.39 3.88
N PHE B 111 18.58 2.25 4.56
CA PHE B 111 17.58 2.05 5.61
C PHE B 111 17.89 2.87 6.83
N SER B 112 16.90 3.08 7.68
CA SER B 112 17.08 3.90 8.86
C SER B 112 15.94 3.52 9.76
N ASP B 113 15.74 4.28 10.83
CA ASP B 113 14.62 4.09 11.72
C ASP B 113 13.27 4.31 11.09
N TYR B 114 13.25 5.10 10.01
CA TYR B 114 11.99 5.46 9.40
C TYR B 114 11.84 4.80 8.03
N ILE B 115 12.82 4.03 7.56
CA ILE B 115 12.84 3.46 6.20
C ILE B 115 13.29 2.02 6.32
N HIS B 116 12.38 1.09 6.00
CA HIS B 116 12.69 -0.30 6.15
C HIS B 116 11.70 -1.12 5.30
N PRO B 117 12.10 -2.13 4.52
CA PRO B 117 11.21 -2.89 3.65
C PRO B 117 10.25 -3.84 4.36
N VAL B 118 9.09 -4.02 3.76
CA VAL B 118 8.11 -4.99 4.27
C VAL B 118 8.46 -6.33 3.59
N CYS B 119 8.01 -7.46 4.15
CA CYS B 119 8.21 -8.72 3.49
C CYS B 119 7.07 -9.01 2.54
N LEU B 120 7.36 -9.84 1.56
CA LEU B 120 6.40 -10.38 0.61
C LEU B 120 6.06 -11.79 1.06
N PRO B 121 4.77 -12.19 1.08
CA PRO B 121 4.38 -13.46 1.63
C PRO B 121 4.81 -14.64 0.76
N ASP B 122 5.03 -15.75 1.46
CA ASP B 122 5.10 -17.00 0.75
C ASP B 122 3.75 -17.68 0.89
N ARG B 123 3.65 -18.83 0.21
CA ARG B 123 2.42 -19.59 0.15
C ARG B 123 1.88 -19.94 1.51
N GLU B 124 2.75 -20.34 2.43
CA GLU B 124 2.33 -20.76 3.76
C GLU B 124 1.77 -19.59 4.57
N THR B 125 2.47 -18.44 4.46
CA THR B 125 2.07 -17.21 5.13
C THR B 125 0.70 -16.79 4.55
N ALA B 126 0.52 -16.82 3.23
CA ALA B 126 -0.72 -16.36 2.66
C ALA B 126 -1.85 -17.26 3.13
N ALA B 127 -1.61 -18.59 3.06
CA ALA B 127 -2.58 -19.59 3.45
C ALA B 127 -2.94 -19.42 4.90
N SER B 128 -2.03 -19.28 5.84
CA SER B 128 -2.40 -19.03 7.21
C SER B 128 -3.12 -17.71 7.47
N LEU B 129 -2.88 -16.63 6.73
CA LEU B 129 -3.38 -15.33 7.17
C LEU B 129 -4.52 -14.72 6.40
N LEU B 130 -4.65 -15.08 5.13
CA LEU B 130 -5.65 -14.46 4.32
C LEU B 130 -6.96 -15.26 4.43
N GLN B 131 -7.56 -15.05 5.60
CA GLN B 131 -8.75 -15.74 5.99
C GLN B 131 -9.78 -14.71 6.37
N ALA B 132 -11.06 -14.94 6.02
CA ALA B 132 -12.16 -14.06 6.37
C ALA B 132 -12.18 -13.73 7.84
N GLY B 133 -12.35 -12.48 8.24
CA GLY B 133 -12.38 -12.14 9.64
C GLY B 133 -11.00 -11.72 10.16
N TYR B 134 -9.91 -12.13 9.52
CA TYR B 134 -8.62 -11.66 10.01
C TYR B 134 -8.35 -10.22 9.58
N LYS B 135 -7.76 -9.40 10.45
CA LYS B 135 -7.55 -7.99 10.12
C LYS B 135 -6.16 -7.74 9.60
N GLY B 136 -6.13 -6.78 8.67
CA GLY B 136 -4.92 -6.26 8.09
C GLY B 136 -4.99 -4.74 8.25
N ARG B 137 -3.98 -4.02 7.79
CA ARG B 137 -3.83 -2.61 8.08
C ARG B 137 -3.58 -1.88 6.80
N VAL B 138 -4.26 -0.78 6.54
CA VAL B 138 -4.04 0.00 5.33
C VAL B 138 -3.53 1.39 5.79
N THR B 139 -2.54 1.93 5.10
CA THR B 139 -2.08 3.25 5.48
C THR B 139 -2.07 4.18 4.28
N GLY B 140 -2.11 5.50 4.46
CA GLY B 140 -2.00 6.42 3.34
C GLY B 140 -2.28 7.87 3.76
N TRP B 141 -1.95 8.72 2.81
CA TRP B 141 -2.14 10.16 2.91
C TRP B 141 -3.37 10.66 2.13
N GLY B 142 -4.24 9.74 1.75
CA GLY B 142 -5.37 10.07 0.93
C GLY B 142 -6.47 10.76 1.71
N ASN B 143 -7.51 11.01 0.96
CA ASN B 143 -8.68 11.66 1.49
C ASN B 143 -9.28 10.99 2.69
N LEU B 144 -9.63 11.90 3.58
CA LEU B 144 -10.33 11.57 4.80
C LEU B 144 -11.86 11.38 4.64
N LYS B 145 -12.37 11.76 3.49
CA LYS B 145 -13.79 11.69 3.21
C LYS B 145 -13.92 11.50 1.72
N GLU B 146 -15.06 10.92 1.37
CA GLU B 146 -15.36 10.69 -0.03
C GLU B 146 -15.52 12.04 -0.73
N GLY B 155 -10.91 16.71 4.96
CA GLY B 155 -10.22 17.13 3.76
C GLY B 155 -9.14 16.08 3.58
N GLN B 156 -7.89 16.52 3.52
CA GLN B 156 -6.72 15.64 3.44
C GLN B 156 -6.01 15.76 4.80
N PRO B 157 -5.30 14.74 5.34
CA PRO B 157 -4.72 14.75 6.68
C PRO B 157 -3.38 15.47 6.75
N SER B 158 -2.87 15.87 7.89
CA SER B 158 -1.53 16.47 7.87
C SER B 158 -0.49 15.38 7.91
N VAL B 159 -0.81 14.23 8.50
CA VAL B 159 0.12 13.12 8.66
C VAL B 159 -0.49 11.79 8.15
N LEU B 160 0.35 10.79 7.94
CA LEU B 160 -0.06 9.45 7.50
C LEU B 160 -1.17 8.91 8.38
N GLN B 161 -2.20 8.33 7.76
CA GLN B 161 -3.32 7.77 8.48
C GLN B 161 -3.21 6.25 8.41
N VAL B 162 -3.84 5.58 9.36
CA VAL B 162 -3.79 4.12 9.44
C VAL B 162 -5.16 3.62 9.87
N VAL B 163 -5.62 2.47 9.38
CA VAL B 163 -6.89 1.84 9.78
C VAL B 163 -6.71 0.33 9.68
N ASN B 164 -7.31 -0.43 10.59
CA ASN B 164 -7.28 -1.88 10.62
C ASN B 164 -8.63 -2.37 10.13
N LEU B 165 -8.62 -3.29 9.17
CA LEU B 165 -9.81 -3.71 8.43
C LEU B 165 -9.85 -5.22 8.29
N PRO B 166 -10.99 -5.88 8.49
CA PRO B 166 -11.14 -7.33 8.36
C PRO B 166 -11.28 -7.80 6.92
N ILE B 167 -10.65 -8.90 6.55
CA ILE B 167 -10.83 -9.51 5.23
C ILE B 167 -12.27 -10.05 5.15
N VAL B 168 -12.91 -9.94 3.99
CA VAL B 168 -14.30 -10.35 3.87
C VAL B 168 -14.40 -11.60 2.96
N GLU B 169 -15.38 -12.45 3.25
CA GLU B 169 -15.74 -13.63 2.49
C GLU B 169 -15.92 -13.32 1.02
N ARG B 170 -15.32 -14.09 0.12
CA ARG B 170 -15.46 -13.88 -1.30
C ARG B 170 -16.92 -13.81 -1.79
N PRO B 171 -17.89 -14.66 -1.42
CA PRO B 171 -19.32 -14.48 -1.71
C PRO B 171 -19.86 -13.07 -1.44
N VAL B 172 -19.62 -12.55 -0.23
CA VAL B 172 -20.05 -11.22 0.20
C VAL B 172 -19.35 -10.17 -0.66
N CYS B 173 -18.03 -10.34 -0.96
CA CYS B 173 -17.37 -9.42 -1.86
C CYS B 173 -18.05 -9.38 -3.23
N LYS B 174 -18.32 -10.58 -3.76
CA LYS B 174 -18.94 -10.73 -5.08
C LYS B 174 -20.35 -10.14 -5.11
N ASP B 175 -21.12 -10.34 -4.06
CA ASP B 175 -22.47 -9.80 -4.03
C ASP B 175 -22.62 -8.33 -3.73
N SER B 176 -21.51 -7.58 -3.61
CA SER B 176 -21.62 -6.17 -3.30
C SER B 176 -21.44 -5.28 -4.52
N THR B 177 -21.08 -5.87 -5.67
CA THR B 177 -20.72 -5.10 -6.84
C THR B 177 -21.21 -5.85 -8.06
N ARG B 178 -21.27 -5.13 -9.19
CA ARG B 178 -21.56 -5.67 -10.51
C ARG B 178 -20.29 -5.88 -11.28
N ILE B 179 -19.13 -5.56 -10.72
CA ILE B 179 -17.87 -5.71 -11.46
C ILE B 179 -17.41 -7.15 -11.21
N ARG B 180 -16.79 -7.73 -12.22
CA ARG B 180 -16.31 -9.09 -12.09
C ARG B 180 -15.07 -9.27 -11.21
N ILE B 181 -15.18 -9.96 -10.08
CA ILE B 181 -14.07 -10.24 -9.18
C ILE B 181 -13.23 -11.42 -9.62
N THR B 182 -11.92 -11.38 -9.48
CA THR B 182 -11.16 -12.50 -9.95
C THR B 182 -10.41 -13.04 -8.75
N ASP B 183 -9.63 -14.10 -8.93
CA ASP B 183 -8.83 -14.67 -7.86
C ASP B 183 -7.61 -13.85 -7.52
N ASN B 184 -7.31 -12.83 -8.32
CA ASN B 184 -6.19 -11.95 -8.09
C ASN B 184 -6.58 -10.76 -7.23
N MET B 185 -7.74 -10.82 -6.60
CA MET B 185 -8.30 -9.74 -5.82
C MET B 185 -8.88 -10.25 -4.52
N PHE B 186 -8.88 -9.53 -3.41
CA PHE B 186 -9.63 -9.95 -2.25
C PHE B 186 -10.29 -8.66 -1.76
N CYS B 187 -11.34 -8.70 -0.95
CA CYS B 187 -11.93 -7.47 -0.46
C CYS B 187 -11.89 -7.49 1.06
N ALA B 188 -11.92 -6.27 1.60
CA ALA B 188 -11.83 -6.02 3.03
C ALA B 188 -12.65 -4.79 3.46
N GLY B 189 -13.15 -4.89 4.68
CA GLY B 189 -13.95 -3.83 5.24
C GLY B 189 -14.95 -4.42 6.20
N TYR B 190 -15.54 -3.57 7.02
CA TYR B 190 -16.54 -4.00 7.97
C TYR B 190 -17.90 -4.07 7.26
N LYS B 191 -18.70 -5.01 7.72
CA LYS B 191 -20.06 -5.22 7.24
C LYS B 191 -20.93 -4.08 7.74
N PRO B 192 -22.02 -3.66 7.08
CA PRO B 192 -22.87 -2.54 7.56
C PRO B 192 -23.41 -2.69 8.96
N ASP B 193 -23.49 -3.91 9.50
CA ASP B 193 -24.01 -4.09 10.84
C ASP B 193 -22.93 -4.39 11.88
N GLU B 194 -21.64 -4.23 11.56
CA GLU B 194 -20.60 -4.49 12.54
C GLU B 194 -20.29 -3.32 13.45
N GLY B 195 -20.80 -2.12 13.17
CA GLY B 195 -20.54 -1.04 14.10
C GLY B 195 -19.28 -0.32 13.72
N LYS B 196 -18.14 -0.98 13.72
CA LYS B 196 -16.92 -0.33 13.27
C LYS B 196 -16.92 -0.03 11.77
N ARG B 197 -16.19 1.00 11.34
CA ARG B 197 -16.02 1.26 9.93
C ARG B 197 -14.62 1.74 9.57
N GLY B 198 -14.39 2.12 8.33
CA GLY B 198 -13.09 2.58 7.87
C GLY B 198 -12.85 2.10 6.46
N ASP B 199 -12.02 2.78 5.66
CA ASP B 199 -11.73 2.41 4.29
C ASP B 199 -10.56 3.25 3.75
N ALA B 200 -9.98 2.84 2.62
CA ALA B 200 -9.05 3.66 1.89
C ALA B 200 -9.94 4.62 1.07
N CYS B 201 -9.35 5.71 0.59
CA CYS B 201 -10.08 6.68 -0.21
C CYS B 201 -9.10 7.26 -1.21
N GLU B 202 -9.52 8.26 -2.02
CA GLU B 202 -8.69 8.70 -3.12
C GLU B 202 -7.31 9.15 -2.67
N GLY B 203 -6.24 8.88 -3.39
CA GLY B 203 -4.88 9.22 -2.95
C GLY B 203 -4.28 8.05 -2.18
N ASP B 204 -5.03 7.08 -1.67
CA ASP B 204 -4.47 5.91 -1.01
C ASP B 204 -4.12 4.79 -1.98
N SER B 205 -4.55 4.90 -3.23
CA SER B 205 -4.22 3.96 -4.30
C SER B 205 -2.78 3.49 -4.32
N GLY B 206 -2.53 2.18 -4.46
CA GLY B 206 -1.18 1.73 -4.57
C GLY B 206 -0.57 1.43 -3.22
N GLY B 207 -1.19 1.82 -2.11
CA GLY B 207 -0.61 1.60 -0.81
C GLY B 207 -0.80 0.17 -0.29
N PRO B 208 -0.08 -0.18 0.78
CA PRO B 208 0.03 -1.53 1.32
C PRO B 208 -1.05 -1.97 2.25
N PHE B 209 -1.59 -3.20 2.08
CA PHE B 209 -2.49 -3.80 3.08
C PHE B 209 -1.53 -4.81 3.71
N VAL B 210 -1.23 -4.67 4.99
CA VAL B 210 -0.24 -5.53 5.62
C VAL B 210 -0.85 -6.26 6.78
N MET B 211 -0.18 -7.33 7.19
CA MET B 211 -0.59 -8.17 8.30
C MET B 211 0.68 -8.60 8.97
N LYS B 212 0.60 -8.78 10.28
CA LYS B 212 1.72 -9.18 11.11
C LYS B 212 1.61 -10.68 11.39
N SER B 213 2.57 -11.47 10.95
CA SER B 213 2.57 -12.90 11.24
C SER B 213 2.80 -13.18 12.72
N PRO B 214 1.87 -13.95 13.32
CA PRO B 214 1.95 -14.39 14.70
C PRO B 214 2.98 -15.51 14.89
N PHE B 215 3.47 -16.13 13.81
CA PHE B 215 4.52 -17.15 13.88
C PHE B 215 5.93 -16.61 13.94
N ASN B 216 6.23 -15.50 13.25
CA ASN B 216 7.61 -15.03 13.24
C ASN B 216 7.74 -13.53 13.46
N ASN B 217 6.63 -12.89 13.85
CA ASN B 217 6.62 -11.46 14.17
C ASN B 217 6.87 -10.42 13.08
N ARG B 218 6.85 -10.85 11.81
CA ARG B 218 7.13 -9.94 10.71
C ARG B 218 5.87 -9.44 10.03
N TRP B 219 5.99 -8.27 9.44
CA TRP B 219 4.92 -7.70 8.67
C TRP B 219 5.05 -8.12 7.24
N TYR B 220 3.97 -8.59 6.68
CA TYR B 220 3.91 -9.05 5.30
C TYR B 220 2.87 -8.22 4.53
N GLN B 221 3.21 -7.87 3.29
CA GLN B 221 2.28 -7.15 2.45
C GLN B 221 1.44 -8.18 1.66
N MET B 222 0.19 -8.30 2.13
CA MET B 222 -0.80 -9.17 1.53
C MET B 222 -1.56 -8.55 0.36
N GLY B 223 -1.78 -7.21 0.36
CA GLY B 223 -2.52 -6.54 -0.73
C GLY B 223 -2.00 -5.17 -1.08
N ILE B 224 -2.56 -4.65 -2.17
CA ILE B 224 -2.34 -3.30 -2.71
C ILE B 224 -3.71 -2.64 -2.84
N VAL B 225 -3.98 -1.44 -2.31
CA VAL B 225 -5.23 -0.71 -2.47
C VAL B 225 -5.50 -0.57 -3.97
N SER B 226 -6.58 -1.18 -4.46
CA SER B 226 -6.83 -1.20 -5.89
C SER B 226 -8.07 -0.44 -6.30
N TRP B 227 -9.26 -0.81 -5.83
CA TRP B 227 -10.48 -0.19 -6.31
C TRP B 227 -11.58 -0.36 -5.29
N GLY B 228 -12.65 0.35 -5.56
CA GLY B 228 -13.82 0.33 -4.71
C GLY B 228 -14.80 1.34 -5.32
N GLU B 229 -15.95 1.44 -4.71
CA GLU B 229 -16.94 2.36 -5.20
C GLU B 229 -17.24 3.24 -3.99
N GLY B 230 -16.72 4.44 -4.13
CA GLY B 230 -16.81 5.41 -3.06
C GLY B 230 -15.78 5.07 -1.98
N CYS B 231 -16.01 5.62 -0.79
CA CYS B 231 -15.14 5.46 0.35
C CYS B 231 -16.06 5.32 1.53
N ASP B 232 -15.93 4.19 2.21
CA ASP B 232 -16.62 3.89 3.42
C ASP B 232 -18.14 3.85 3.25
N ARG B 233 -18.62 3.49 2.06
CA ARG B 233 -20.05 3.39 1.84
C ARG B 233 -20.60 2.16 2.46
N ASP B 234 -21.80 2.12 3.04
CA ASP B 234 -22.31 0.90 3.66
C ASP B 234 -22.71 -0.06 2.55
N GLY B 235 -22.31 -1.30 2.84
CA GLY B 235 -22.54 -2.44 1.97
C GLY B 235 -21.56 -2.50 0.81
N LYS B 236 -20.47 -1.72 0.86
CA LYS B 236 -19.48 -1.71 -0.19
C LYS B 236 -18.14 -2.09 0.43
N TYR B 237 -17.16 -2.57 -0.31
CA TYR B 237 -15.93 -3.03 0.36
C TYR B 237 -14.75 -2.56 -0.44
N GLY B 238 -13.57 -2.52 0.15
CA GLY B 238 -12.41 -2.14 -0.61
C GLY B 238 -11.84 -3.36 -1.27
N PHE B 239 -11.40 -3.22 -2.52
CA PHE B 239 -10.82 -4.35 -3.22
C PHE B 239 -9.32 -4.14 -3.35
N TYR B 240 -8.59 -5.23 -3.12
CA TYR B 240 -7.13 -5.18 -3.09
C TYR B 240 -6.52 -6.17 -4.04
N THR B 241 -5.38 -5.81 -4.63
CA THR B 241 -4.59 -6.74 -5.45
C THR B 241 -4.01 -7.84 -4.54
N HIS B 242 -4.19 -9.12 -4.87
CA HIS B 242 -3.74 -10.25 -4.05
C HIS B 242 -2.26 -10.41 -4.31
N VAL B 243 -1.39 -9.93 -3.45
CA VAL B 243 0.04 -9.94 -3.81
C VAL B 243 0.61 -11.34 -3.98
N PHE B 244 0.37 -12.33 -3.10
CA PHE B 244 0.91 -13.66 -3.32
C PHE B 244 0.54 -14.28 -4.66
N ARG B 245 -0.68 -14.12 -5.16
CA ARG B 245 -1.10 -14.71 -6.43
C ARG B 245 -0.30 -14.13 -7.55
N LEU B 246 0.28 -12.92 -7.42
CA LEU B 246 1.08 -12.35 -8.49
C LEU B 246 2.58 -12.36 -8.17
N LYS B 247 2.99 -13.16 -7.19
CA LYS B 247 4.37 -13.15 -6.75
C LYS B 247 5.30 -13.72 -7.81
N LYS B 248 4.90 -14.73 -8.59
CA LYS B 248 5.78 -15.27 -9.62
C LYS B 248 6.16 -14.19 -10.62
N TRP B 249 5.28 -13.26 -10.96
CA TRP B 249 5.66 -12.20 -11.88
C TRP B 249 6.67 -11.31 -11.14
N ILE B 250 6.46 -11.03 -9.84
CA ILE B 250 7.34 -10.11 -9.09
C ILE B 250 8.75 -10.63 -9.10
N GLN B 251 8.91 -11.90 -8.71
CA GLN B 251 10.18 -12.58 -8.62
C GLN B 251 10.78 -12.62 -10.01
N LYS B 252 9.99 -12.87 -11.05
CA LYS B 252 10.50 -12.96 -12.39
C LYS B 252 11.10 -11.63 -12.79
N VAL B 253 10.39 -10.52 -12.55
CA VAL B 253 10.86 -9.19 -12.89
C VAL B 253 12.10 -8.78 -12.10
N ILE B 254 12.14 -8.97 -10.78
CA ILE B 254 13.27 -8.56 -10.00
C ILE B 254 14.46 -9.41 -10.41
N ASP B 255 14.41 -10.74 -10.53
CA ASP B 255 15.63 -11.40 -10.93
C ASP B 255 15.93 -11.32 -12.41
N GLN B 256 15.01 -10.91 -13.26
CA GLN B 256 15.38 -10.63 -14.64
C GLN B 256 15.87 -9.20 -14.78
N PHE B 257 15.72 -8.31 -13.80
CA PHE B 257 16.13 -6.93 -14.01
C PHE B 257 16.97 -6.22 -12.96
N GLY B 258 17.20 -6.77 -11.76
CA GLY B 258 18.08 -6.15 -10.77
C GLY B 258 17.43 -5.99 -9.39
N ASP C 3 -0.77 22.47 -1.10
CA ASP C 3 0.00 23.04 -0.02
C ASP C 3 1.27 22.24 0.21
N PHE C 4 1.89 21.60 -0.79
CA PHE C 4 3.13 20.87 -0.61
C PHE C 4 4.24 21.87 -0.54
N GLU C 5 5.18 21.55 0.31
CA GLU C 5 6.33 22.37 0.53
C GLU C 5 7.23 22.06 -0.63
N GLU C 6 8.06 23.03 -0.92
CA GLU C 6 8.93 23.00 -2.07
C GLU C 6 10.00 21.98 -1.73
N ILE C 7 10.26 21.03 -2.62
CA ILE C 7 11.32 20.09 -2.35
C ILE C 7 12.59 20.72 -2.88
N PRO C 8 13.76 20.30 -2.36
CA PRO C 8 15.05 20.67 -2.94
C PRO C 8 15.16 20.45 -4.45
N GLU C 9 15.47 21.57 -5.09
CA GLU C 9 15.59 21.70 -6.54
C GLU C 9 16.34 20.53 -7.17
N GLU C 10 17.38 20.09 -6.46
CA GLU C 10 18.24 19.03 -6.86
C GLU C 10 17.50 17.80 -7.33
N LEU C 12 14.60 17.43 -8.69
CA LEU C 12 13.78 17.67 -9.84
C LEU C 12 14.49 17.44 -11.18
#